data_4G8W
#
_entry.id   4G8W
#
_cell.length_a   65.300
_cell.length_b   65.300
_cell.length_c   121.465
_cell.angle_alpha   90.00
_cell.angle_beta   90.00
_cell.angle_gamma   120.00
#
_symmetry.space_group_name_H-M   'P 32 2 1'
#
loop_
_entity.id
_entity.type
_entity.pdbx_description
1 polymer 'Heme oxygenase 1'
2 non-polymer 'PROTOPORPHYRIN IX CONTAINING FE'
3 non-polymer 'OXYGEN MOLECULE'
4 non-polymer 'FORMIC ACID'
5 water water
#
_entity_poly.entity_id   1
_entity_poly.type   'polypeptide(L)'
_entity_poly.pdbx_seq_one_letter_code
;MERPQLDSMSQDLSEALKEATKEVHIRAENSEFMRNFQKGQVSREGFKLVMASLYHIYTALEEEIERNKQNPVYAPLYFP
EELHRRAALEQDMAFWYGPHWQEAIPYTPATQHYVKRLHEVGGTHPELLVAHAYTRYLGDLSGGQVLKKIAQKAMALPSS
GEGLAFFTFPSIDNPTKFKQLYRARMNTLEMTPEVKHRVTEEAKTAFLLNIELFEELQALLTEEHKDQSPSQTEFLRQRP
ASLVQDTTSAETPRGKSQISTSSSQTP
;
_entity_poly.pdbx_strand_id   A
#
loop_
_chem_comp.id
_chem_comp.type
_chem_comp.name
_chem_comp.formula
FMT non-polymer 'FORMIC ACID' 'C H2 O2'
HEM non-polymer 'PROTOPORPHYRIN IX CONTAINING FE' 'C34 H32 Fe N4 O4'
OXY non-polymer 'OXYGEN MOLECULE' O2
#
# COMPACT_ATOMS: atom_id res chain seq x y z
N GLN A 11 -23.47 -10.61 5.21
CA GLN A 11 -22.42 -10.48 4.16
C GLN A 11 -21.03 -10.48 4.79
N ASP A 12 -20.17 -11.39 4.37
CA ASP A 12 -18.76 -11.43 4.77
C ASP A 12 -17.93 -10.14 4.58
N LEU A 13 -17.13 -9.79 5.58
CA LEU A 13 -16.34 -8.59 5.48
C LEU A 13 -15.53 -8.50 4.15
N SER A 14 -14.83 -9.56 3.79
CA SER A 14 -14.04 -9.56 2.56
C SER A 14 -14.90 -9.21 1.33
N GLU A 15 -16.11 -9.75 1.27
CA GLU A 15 -17.02 -9.44 0.19
C GLU A 15 -17.47 -8.00 0.28
N ALA A 16 -17.76 -7.54 1.49
CA ALA A 16 -18.30 -6.19 1.69
C ALA A 16 -17.26 -5.20 1.22
N LEU A 17 -16.01 -5.49 1.56
CA LEU A 17 -14.91 -4.63 1.16
C LEU A 17 -14.73 -4.59 -0.34
N LYS A 18 -14.81 -5.76 -0.98
CA LYS A 18 -14.67 -5.82 -2.43
C LYS A 18 -15.77 -4.99 -3.12
N GLU A 19 -17.02 -5.20 -2.73
CA GLU A 19 -18.11 -4.40 -3.22
C GLU A 19 -17.87 -2.92 -2.97
N ALA A 20 -17.48 -2.54 -1.75
CA ALA A 20 -17.50 -1.13 -1.40
C ALA A 20 -16.44 -0.35 -2.16
N THR A 21 -15.38 -1.04 -2.55
CA THR A 21 -14.22 -0.41 -3.14
C THR A 21 -14.04 -0.68 -4.64
N LYS A 22 -14.94 -1.48 -5.23
CA LYS A 22 -14.76 -1.83 -6.63
C LYS A 22 -14.78 -0.62 -7.59
N GLU A 23 -15.50 0.45 -7.23
CA GLU A 23 -15.77 1.56 -8.17
C GLU A 23 -14.59 2.54 -8.07
N VAL A 24 -14.23 2.87 -6.84
CA VAL A 24 -13.06 3.67 -6.58
C VAL A 24 -11.78 2.95 -7.03
N HIS A 25 -11.77 1.63 -7.03
CA HIS A 25 -10.60 0.92 -7.54
C HIS A 25 -10.43 1.26 -9.02
N ILE A 26 -11.59 1.33 -9.72
CA ILE A 26 -11.57 1.62 -11.16
C ILE A 26 -10.98 3.03 -11.39
N ARG A 27 -11.35 3.94 -10.52
CA ARG A 27 -10.87 5.28 -10.65
C ARG A 27 -9.40 5.36 -10.31
N ALA A 28 -8.98 4.61 -9.29
CA ALA A 28 -7.59 4.49 -8.86
C ALA A 28 -6.70 3.91 -9.96
N GLU A 29 -7.07 2.81 -10.61
CA GLU A 29 -6.21 2.21 -11.61
C GLU A 29 -6.19 3.03 -12.90
N ASN A 30 -7.12 3.96 -13.05
CA ASN A 30 -7.12 4.80 -14.23
C ASN A 30 -6.70 6.21 -13.94
N SER A 31 -6.04 6.42 -12.80
CA SER A 31 -5.34 7.67 -12.55
C SER A 31 -4.26 7.86 -13.63
N GLU A 32 -4.06 9.12 -13.95
CA GLU A 32 -3.09 9.57 -14.91
C GLU A 32 -1.71 9.01 -14.61
N PHE A 33 -1.30 9.12 -13.36
CA PHE A 33 0.02 8.59 -13.00
C PHE A 33 0.06 7.09 -13.32
N MET A 34 -1.03 6.39 -13.02
CA MET A 34 -1.06 4.95 -13.21
C MET A 34 -1.19 4.58 -14.66
N ARG A 35 -1.95 5.34 -15.43
CA ARG A 35 -1.98 5.11 -16.90
C ARG A 35 -0.58 5.22 -17.45
N ASN A 36 0.03 6.38 -17.29
CA ASN A 36 1.40 6.53 -17.68
C ASN A 36 2.28 5.37 -17.23
N PHE A 37 2.09 4.95 -16.00
CA PHE A 37 2.85 3.83 -15.50
C PHE A 37 2.64 2.61 -16.40
N GLN A 38 1.38 2.21 -16.60
CA GLN A 38 1.02 1.02 -17.37
C GLN A 38 1.41 1.08 -18.84
N LYS A 39 1.47 2.29 -19.40
CA LYS A 39 1.85 2.51 -20.82
C LYS A 39 3.36 2.40 -21.03
N GLY A 40 4.08 2.12 -19.95
CA GLY A 40 5.55 2.14 -19.98
C GLY A 40 6.19 3.50 -19.79
N GLN A 41 5.38 4.56 -19.62
CA GLN A 41 5.90 5.94 -19.45
C GLN A 41 6.08 6.28 -17.97
C GLN A 41 6.09 6.30 -17.97
N VAL A 42 7.19 5.84 -17.41
CA VAL A 42 7.52 6.06 -16.00
C VAL A 42 9.03 6.29 -15.92
N SER A 43 9.44 7.44 -15.42
CA SER A 43 10.85 7.80 -15.37
C SER A 43 11.46 7.47 -13.99
N ARG A 44 12.79 7.46 -13.94
CA ARG A 44 13.51 7.36 -12.69
C ARG A 44 13.02 8.37 -11.63
N GLU A 45 12.82 9.60 -12.04
CA GLU A 45 12.42 10.69 -11.13
C GLU A 45 11.06 10.35 -10.50
N GLY A 46 10.14 9.88 -11.33
CA GLY A 46 8.76 9.71 -10.91
C GLY A 46 8.71 8.50 -9.99
N PHE A 47 9.40 7.46 -10.42
CA PHE A 47 9.45 6.24 -9.66
C PHE A 47 10.08 6.52 -8.29
N LYS A 48 11.18 7.25 -8.28
CA LYS A 48 11.78 7.63 -6.99
C LYS A 48 10.77 8.39 -6.10
N LEU A 49 10.08 9.36 -6.64
CA LEU A 49 9.07 10.09 -5.89
C LEU A 49 8.03 9.19 -5.21
N VAL A 50 7.46 8.29 -5.99
CA VAL A 50 6.37 7.52 -5.53
C VAL A 50 6.91 6.58 -4.50
N MET A 51 8.10 6.04 -4.74
CA MET A 51 8.64 5.07 -3.81
C MET A 51 9.04 5.67 -2.48
N ALA A 52 9.58 6.88 -2.51
CA ALA A 52 9.83 7.61 -1.28
C ALA A 52 8.52 7.80 -0.52
N SER A 53 7.43 8.14 -1.22
CA SER A 53 6.19 8.44 -0.57
C SER A 53 5.66 7.18 0.11
N LEU A 54 5.79 6.05 -0.56
CA LEU A 54 5.32 4.76 0.00
C LEU A 54 6.14 4.36 1.20
N TYR A 55 7.40 4.78 1.18
CA TYR A 55 8.26 4.52 2.29
C TYR A 55 7.61 5.16 3.53
N HIS A 56 7.26 6.43 3.48
CA HIS A 56 6.70 7.06 4.69
C HIS A 56 5.41 6.43 5.09
N ILE A 57 4.60 6.08 4.10
CA ILE A 57 3.28 5.52 4.32
C ILE A 57 3.34 4.18 5.01
N TYR A 58 4.12 3.27 4.48
CA TYR A 58 4.22 1.93 5.10
C TYR A 58 4.93 2.00 6.41
N THR A 59 5.85 2.95 6.60
CA THR A 59 6.44 3.18 7.91
C THR A 59 5.34 3.47 8.94
N ALA A 60 4.44 4.38 8.61
CA ALA A 60 3.34 4.72 9.48
C ALA A 60 2.39 3.53 9.69
N LEU A 61 2.02 2.85 8.60
CA LEU A 61 1.08 1.76 8.67
C LEU A 61 1.68 0.68 9.58
N GLU A 62 2.94 0.36 9.34
CA GLU A 62 3.57 -0.71 10.07
C GLU A 62 3.83 -0.36 11.51
N GLU A 63 4.13 0.88 11.77
CA GLU A 63 4.25 1.30 13.14
C GLU A 63 2.91 1.13 13.88
N GLU A 64 1.81 1.43 13.20
CA GLU A 64 0.50 1.26 13.84
C GLU A 64 0.08 -0.24 13.96
N ILE A 65 0.45 -1.05 12.98
CA ILE A 65 0.22 -2.50 13.07
C ILE A 65 0.92 -3.03 14.33
N GLU A 66 2.17 -2.62 14.54
CA GLU A 66 2.90 -3.07 15.72
C GLU A 66 2.30 -2.63 17.01
N ARG A 67 1.81 -1.39 17.07
CA ARG A 67 1.13 -0.87 18.26
C ARG A 67 -0.13 -1.68 18.56
N ASN A 68 -0.79 -2.17 17.54
CA ASN A 68 -2.01 -2.93 17.73
C ASN A 68 -1.91 -4.43 17.45
N LYS A 69 -0.71 -5.00 17.43
CA LYS A 69 -0.57 -6.44 17.06
C LYS A 69 -1.33 -7.40 17.98
N GLN A 70 -1.54 -7.04 19.24
CA GLN A 70 -2.14 -7.93 20.22
C GLN A 70 -3.59 -7.54 20.41
N ASN A 71 -4.07 -6.57 19.64
CA ASN A 71 -5.47 -6.18 19.77
C ASN A 71 -6.31 -7.07 18.83
N PRO A 72 -7.28 -7.79 19.42
CA PRO A 72 -8.10 -8.76 18.65
C PRO A 72 -8.83 -8.20 17.44
N VAL A 73 -9.00 -6.87 17.37
CA VAL A 73 -9.61 -6.20 16.21
C VAL A 73 -8.69 -6.16 14.98
N TYR A 74 -7.42 -6.51 15.16
CA TYR A 74 -6.45 -6.58 14.06
C TYR A 74 -5.62 -7.86 14.01
N ALA A 75 -5.28 -8.37 15.20
CA ALA A 75 -4.33 -9.47 15.40
C ALA A 75 -4.37 -10.62 14.42
N PRO A 76 -5.56 -11.09 14.00
CA PRO A 76 -5.61 -12.19 13.03
C PRO A 76 -5.02 -11.85 11.65
N LEU A 77 -4.87 -10.54 11.35
CA LEU A 77 -4.26 -10.09 10.09
C LEU A 77 -2.78 -9.75 10.25
N TYR A 78 -2.19 -10.12 11.39
CA TYR A 78 -0.81 -9.69 11.68
C TYR A 78 0.16 -10.65 11.05
N PHE A 79 0.73 -10.24 9.89
CA PHE A 79 1.70 -11.05 9.12
C PHE A 79 2.93 -10.22 8.78
N PRO A 80 3.75 -9.91 9.77
CA PRO A 80 4.94 -9.14 9.41
C PRO A 80 5.88 -9.86 8.44
N GLU A 81 6.07 -11.15 8.61
CA GLU A 81 7.07 -11.81 7.80
C GLU A 81 6.64 -11.83 6.33
N GLU A 82 5.38 -12.10 6.06
CA GLU A 82 4.89 -12.23 4.70
C GLU A 82 4.68 -10.88 4.02
N LEU A 83 4.19 -9.88 4.76
CA LEU A 83 3.66 -8.66 4.15
C LEU A 83 4.43 -7.37 4.38
N HIS A 84 4.97 -7.17 5.56
CA HIS A 84 5.52 -5.87 5.88
C HIS A 84 6.52 -5.43 4.85
N ARG A 85 6.43 -4.15 4.41
CA ARG A 85 7.17 -3.62 3.27
C ARG A 85 8.29 -2.70 3.62
N ARG A 86 8.35 -2.28 4.87
CA ARG A 86 9.33 -1.28 5.25
C ARG A 86 10.82 -1.69 5.04
N ALA A 87 11.25 -2.86 5.51
CA ALA A 87 12.66 -3.24 5.33
C ALA A 87 12.96 -3.27 3.82
N ALA A 88 11.98 -3.68 3.01
CA ALA A 88 12.11 -3.72 1.56
C ALA A 88 12.33 -2.31 0.99
N LEU A 89 11.50 -1.38 1.47
CA LEU A 89 11.54 0.00 1.03
C LEU A 89 12.85 0.65 1.49
N GLU A 90 13.40 0.16 2.57
CA GLU A 90 14.70 0.66 2.98
C GLU A 90 15.77 0.27 1.98
N GLN A 91 15.77 -0.97 1.49
CA GLN A 91 16.78 -1.43 0.48
C GLN A 91 16.60 -0.60 -0.78
N ASP A 92 15.34 -0.35 -1.13
CA ASP A 92 15.01 0.37 -2.35
C ASP A 92 15.44 1.83 -2.31
N MET A 93 15.20 2.51 -1.17
CA MET A 93 15.71 3.88 -1.00
C MET A 93 17.25 3.92 -1.06
N ALA A 94 17.91 2.96 -0.44
CA ALA A 94 19.38 2.96 -0.51
C ALA A 94 19.81 2.83 -1.99
N PHE A 95 19.15 1.96 -2.74
CA PHE A 95 19.39 1.80 -4.18
C PHE A 95 19.12 3.08 -5.00
N TRP A 96 17.98 3.72 -4.77
CA TRP A 96 17.57 4.83 -5.62
C TRP A 96 18.13 6.16 -5.21
N TYR A 97 18.41 6.34 -3.93
CA TYR A 97 18.85 7.62 -3.39
C TYR A 97 20.24 7.55 -2.78
N GLY A 98 20.73 6.36 -2.51
CA GLY A 98 22.10 6.20 -2.14
C GLY A 98 22.17 5.93 -0.67
N PRO A 99 23.40 5.83 -0.13
CA PRO A 99 23.64 5.65 1.32
C PRO A 99 22.93 6.69 2.22
N HIS A 100 22.97 7.97 1.84
CA HIS A 100 22.40 9.03 2.69
C HIS A 100 20.97 9.36 2.30
N TRP A 101 20.20 8.33 1.97
CA TRP A 101 18.85 8.52 1.53
C TRP A 101 17.98 9.06 2.62
N GLN A 102 18.31 8.85 3.89
CA GLN A 102 17.40 9.29 4.95
C GLN A 102 17.30 10.81 4.88
N GLU A 103 18.40 11.51 4.56
CA GLU A 103 18.32 12.97 4.51
C GLU A 103 18.08 13.48 3.07
N ALA A 104 17.82 12.57 2.13
CA ALA A 104 17.57 12.93 0.73
C ALA A 104 16.09 12.91 0.36
N ILE A 105 15.34 11.97 0.95
CA ILE A 105 14.04 11.67 0.42
C ILE A 105 12.98 12.71 0.75
N PRO A 106 12.09 12.97 -0.20
CA PRO A 106 11.00 13.91 0.00
C PRO A 106 9.87 13.39 0.87
N TYR A 107 9.09 14.30 1.38
CA TYR A 107 7.95 13.98 2.20
C TYR A 107 6.84 14.96 1.79
N THR A 108 6.09 14.63 0.75
CA THR A 108 5.10 15.54 0.20
C THR A 108 3.86 15.76 1.07
N PRO A 109 3.13 16.83 0.82
CA PRO A 109 1.95 17.11 1.63
C PRO A 109 0.87 16.05 1.54
N ALA A 110 0.64 15.52 0.36
CA ALA A 110 -0.31 14.42 0.21
C ALA A 110 0.21 13.16 0.97
N THR A 111 1.52 12.92 0.98
CA THR A 111 2.06 11.80 1.71
C THR A 111 1.77 11.99 3.22
N GLN A 112 1.93 13.23 3.69
CA GLN A 112 1.68 13.55 5.08
C GLN A 112 0.25 13.38 5.47
N HIS A 113 -0.67 13.74 4.57
CA HIS A 113 -2.11 13.66 4.86
C HIS A 113 -2.44 12.19 5.08
N TYR A 114 -1.82 11.33 4.26
CA TYR A 114 -2.01 9.89 4.37
C TYR A 114 -1.44 9.39 5.71
N VAL A 115 -0.17 9.68 6.00
CA VAL A 115 0.45 9.26 7.27
C VAL A 115 -0.39 9.75 8.46
N LYS A 116 -0.95 10.93 8.35
CA LYS A 116 -1.66 11.50 9.46
C LYS A 116 -2.92 10.67 9.72
N ARG A 117 -3.58 10.24 8.65
CA ARG A 117 -4.77 9.49 8.90
C ARG A 117 -4.39 8.15 9.49
N LEU A 118 -3.28 7.60 9.03
CA LEU A 118 -2.84 6.29 9.51
C LEU A 118 -2.64 6.30 11.06
N HIS A 119 -2.01 7.35 11.53
CA HIS A 119 -1.84 7.60 12.95
C HIS A 119 -3.14 7.84 13.71
N GLU A 120 -4.11 8.53 13.13
CA GLU A 120 -5.41 8.66 13.76
C GLU A 120 -6.06 7.32 13.85
N VAL A 121 -6.06 6.55 12.76
CA VAL A 121 -6.71 5.21 12.84
C VAL A 121 -6.02 4.32 13.88
N GLY A 122 -4.70 4.22 13.78
CA GLY A 122 -3.92 3.40 14.70
C GLY A 122 -4.01 3.81 16.15
N GLY A 123 -4.11 5.12 16.43
CA GLY A 123 -4.14 5.62 17.81
C GLY A 123 -5.55 5.68 18.38
N THR A 124 -6.54 6.04 17.59
CA THR A 124 -7.88 6.29 18.14
C THR A 124 -8.92 5.32 17.66
N HIS A 125 -8.79 4.81 16.44
CA HIS A 125 -9.80 3.90 15.88
C HIS A 125 -9.18 2.65 15.31
N PRO A 126 -8.44 1.88 16.14
CA PRO A 126 -7.69 0.66 15.70
C PRO A 126 -8.54 -0.36 15.00
N GLU A 127 -9.85 -0.31 15.22
CA GLU A 127 -10.74 -1.26 14.59
C GLU A 127 -10.86 -1.02 13.08
N LEU A 128 -10.44 0.16 12.65
CA LEU A 128 -10.44 0.43 11.20
C LEU A 128 -9.11 0.09 10.53
N LEU A 129 -8.09 -0.24 11.30
CA LEU A 129 -6.76 -0.46 10.75
C LEU A 129 -6.75 -1.52 9.65
N VAL A 130 -7.64 -2.52 9.80
CA VAL A 130 -7.85 -3.51 8.77
C VAL A 130 -8.14 -2.91 7.40
N ALA A 131 -8.92 -1.82 7.37
CA ALA A 131 -9.22 -1.13 6.10
C ALA A 131 -7.95 -0.73 5.37
N HIS A 132 -6.98 -0.22 6.12
CA HIS A 132 -5.77 0.35 5.55
C HIS A 132 -4.76 -0.70 5.09
N ALA A 133 -4.62 -1.78 5.87
CA ALA A 133 -3.83 -2.95 5.48
C ALA A 133 -4.44 -3.67 4.26
N TYR A 134 -5.75 -3.84 4.27
CA TYR A 134 -6.43 -4.39 3.11
C TYR A 134 -6.03 -3.60 1.87
N THR A 135 -6.26 -2.31 1.93
CA THR A 135 -6.15 -1.51 0.76
C THR A 135 -4.76 -1.59 0.16
N ARG A 136 -3.74 -1.53 1.02
CA ARG A 136 -2.37 -1.48 0.54
C ARG A 136 -1.86 -2.90 0.21
N TYR A 137 -1.89 -3.82 1.18
CA TYR A 137 -1.24 -5.12 1.02
C TYR A 137 -1.90 -5.96 -0.05
N LEU A 138 -3.23 -5.92 -0.12
CA LEU A 138 -3.86 -6.74 -1.13
C LEU A 138 -3.59 -6.20 -2.53
N GLY A 139 -3.57 -4.88 -2.64
CA GLY A 139 -3.26 -4.27 -3.90
C GLY A 139 -1.87 -4.67 -4.31
N ASP A 140 -0.95 -4.68 -3.34
CA ASP A 140 0.44 -4.96 -3.63
C ASP A 140 0.52 -6.38 -4.24
N LEU A 141 -0.30 -7.26 -3.72
CA LEU A 141 -0.27 -8.67 -4.13
C LEU A 141 -1.06 -8.96 -5.42
N SER A 142 -1.62 -7.93 -6.03
CA SER A 142 -2.46 -8.08 -7.17
C SER A 142 -1.83 -7.20 -8.26
N GLY A 143 -2.30 -5.97 -8.39
CA GLY A 143 -1.79 -5.03 -9.38
C GLY A 143 -0.35 -4.61 -9.19
N GLY A 144 0.12 -4.57 -7.95
CA GLY A 144 1.55 -4.41 -7.68
C GLY A 144 2.40 -5.38 -8.48
N GLN A 145 1.94 -6.62 -8.65
CA GLN A 145 2.73 -7.63 -9.41
C GLN A 145 2.88 -7.32 -10.92
N VAL A 146 1.83 -6.71 -11.47
CA VAL A 146 1.79 -6.32 -12.86
C VAL A 146 2.67 -5.07 -13.02
N LEU A 147 2.51 -4.10 -12.12
CA LEU A 147 3.34 -2.92 -12.10
C LEU A 147 4.85 -3.30 -12.00
N LYS A 148 5.17 -4.31 -11.25
CA LYS A 148 6.55 -4.71 -11.14
C LYS A 148 7.15 -5.08 -12.51
N LYS A 149 6.47 -5.89 -13.32
CA LYS A 149 7.02 -6.28 -14.62
C LYS A 149 7.21 -5.07 -15.57
N ILE A 150 6.26 -4.15 -15.51
CA ILE A 150 6.34 -2.91 -16.29
C ILE A 150 7.57 -2.07 -15.83
N ALA A 151 7.82 -2.01 -14.53
CA ALA A 151 8.94 -1.24 -14.04
C ALA A 151 10.23 -1.83 -14.60
N GLN A 152 10.36 -3.14 -14.52
CA GLN A 152 11.55 -3.81 -15.03
C GLN A 152 11.78 -3.53 -16.48
N LYS A 153 10.74 -3.52 -17.27
CA LYS A 153 10.97 -3.43 -18.69
C LYS A 153 11.33 -1.96 -19.00
N ALA A 154 10.51 -1.07 -18.50
CA ALA A 154 10.64 0.34 -18.77
C ALA A 154 12.01 0.84 -18.32
N MET A 155 12.42 0.48 -17.08
CA MET A 155 13.64 1.08 -16.49
C MET A 155 14.89 0.23 -16.48
N ALA A 156 14.86 -0.91 -17.17
CA ALA A 156 16.00 -1.77 -17.33
C ALA A 156 16.47 -2.27 -15.94
N LEU A 157 15.54 -2.68 -15.09
CA LEU A 157 15.89 -3.21 -13.77
C LEU A 157 16.12 -4.71 -13.86
N PRO A 158 17.21 -5.20 -13.23
CA PRO A 158 17.60 -6.56 -13.38
C PRO A 158 16.63 -7.50 -12.66
N SER A 159 16.56 -8.73 -13.15
CA SER A 159 15.75 -9.82 -12.58
C SER A 159 16.17 -10.20 -11.16
N SER A 160 17.44 -10.07 -10.81
CA SER A 160 17.93 -10.24 -9.43
C SER A 160 17.13 -9.40 -8.39
N GLY A 161 16.63 -8.24 -8.78
CA GLY A 161 15.55 -7.63 -8.00
C GLY A 161 15.88 -6.32 -7.33
N GLU A 162 17.11 -5.85 -7.48
CA GLU A 162 17.54 -4.63 -6.85
C GLU A 162 16.67 -3.52 -7.40
N GLY A 163 16.24 -2.63 -6.51
CA GLY A 163 15.37 -1.51 -6.91
C GLY A 163 13.87 -1.77 -6.84
N LEU A 164 13.51 -3.04 -6.72
CA LEU A 164 12.13 -3.51 -6.72
C LEU A 164 11.85 -4.39 -5.52
N ALA A 165 12.62 -4.24 -4.44
CA ALA A 165 12.34 -5.02 -3.24
C ALA A 165 10.89 -4.79 -2.76
N PHE A 166 10.35 -3.60 -2.99
CA PHE A 166 8.99 -3.33 -2.55
C PHE A 166 8.02 -4.29 -3.14
N PHE A 167 8.30 -4.75 -4.36
CA PHE A 167 7.34 -5.56 -5.09
C PHE A 167 7.57 -7.02 -4.90
N THR A 168 8.54 -7.37 -4.09
CA THR A 168 8.97 -8.73 -4.02
C THR A 168 8.60 -9.31 -2.67
N PHE A 169 7.92 -10.46 -2.69
CA PHE A 169 7.45 -11.08 -1.46
C PHE A 169 8.09 -12.44 -1.31
N PRO A 170 9.34 -12.49 -0.79
CA PRO A 170 10.02 -13.76 -0.78
C PRO A 170 9.44 -14.77 0.24
N SER A 171 8.62 -14.32 1.19
CA SER A 171 8.04 -15.30 2.13
C SER A 171 6.64 -15.74 1.72
N ILE A 172 6.18 -15.32 0.55
CA ILE A 172 4.90 -15.74 -0.01
C ILE A 172 5.17 -16.51 -1.31
N ASP A 173 4.91 -17.80 -1.28
CA ASP A 173 5.09 -18.58 -2.47
C ASP A 173 4.01 -18.32 -3.50
N ASN A 174 2.75 -18.23 -3.04
CA ASN A 174 1.65 -18.06 -3.98
C ASN A 174 0.70 -16.92 -3.61
N PRO A 175 0.89 -15.78 -4.24
CA PRO A 175 0.10 -14.61 -3.86
C PRO A 175 -1.45 -14.79 -3.89
N THR A 176 -1.90 -15.57 -4.86
CA THR A 176 -3.30 -15.91 -5.09
C THR A 176 -3.84 -16.68 -3.86
N LYS A 177 -3.13 -17.75 -3.44
CA LYS A 177 -3.59 -18.59 -2.31
C LYS A 177 -3.44 -17.79 -0.99
N PHE A 178 -2.40 -16.98 -0.89
CA PHE A 178 -2.25 -16.17 0.29
C PHE A 178 -3.41 -15.17 0.45
N LYS A 179 -3.67 -14.43 -0.61
CA LYS A 179 -4.82 -13.56 -0.65
C LYS A 179 -6.11 -14.28 -0.22
N GLN A 180 -6.31 -15.52 -0.65
CA GLN A 180 -7.48 -16.25 -0.23
C GLN A 180 -7.50 -16.46 1.29
N LEU A 181 -6.35 -16.88 1.80
CA LEU A 181 -6.13 -17.06 3.23
C LEU A 181 -6.45 -15.73 3.99
N TYR A 182 -6.01 -14.61 3.43
CA TYR A 182 -6.13 -13.35 4.10
C TYR A 182 -7.58 -12.94 4.12
N ARG A 183 -8.30 -13.22 3.03
CA ARG A 183 -9.72 -12.83 2.93
C ARG A 183 -10.49 -13.63 3.97
N ALA A 184 -10.28 -14.94 3.97
CA ALA A 184 -10.88 -15.85 4.98
C ALA A 184 -10.63 -15.34 6.40
N ARG A 185 -9.39 -14.89 6.65
CA ARG A 185 -9.09 -14.39 8.00
C ARG A 185 -9.82 -13.14 8.31
N MET A 186 -9.89 -12.25 7.32
CA MET A 186 -10.66 -11.07 7.50
C MET A 186 -12.03 -11.44 8.04
N ASN A 187 -12.59 -12.53 7.54
CA ASN A 187 -13.95 -12.97 7.91
C ASN A 187 -14.10 -13.58 9.30
N THR A 188 -12.99 -13.73 10.00
CA THR A 188 -13.04 -14.20 11.37
C THR A 188 -12.93 -13.05 12.39
N LEU A 189 -12.59 -11.84 11.96
CA LEU A 189 -12.62 -10.70 12.88
C LEU A 189 -14.03 -10.57 13.52
N GLU A 190 -14.12 -10.10 14.77
CA GLU A 190 -15.42 -9.79 15.37
C GLU A 190 -16.05 -8.66 14.57
N MET A 191 -17.28 -8.86 14.14
CA MET A 191 -17.87 -7.96 13.20
C MET A 191 -19.30 -7.65 13.63
N THR A 192 -19.56 -6.37 13.79
CA THR A 192 -20.88 -5.90 14.06
C THR A 192 -21.22 -5.11 12.83
N PRO A 193 -22.49 -4.81 12.64
CA PRO A 193 -22.81 -3.84 11.61
C PRO A 193 -22.06 -2.49 11.76
N GLU A 194 -21.90 -1.96 12.98
CA GLU A 194 -21.24 -0.66 13.07
C GLU A 194 -19.81 -0.82 12.57
N VAL A 195 -19.13 -1.90 12.95
CA VAL A 195 -17.77 -2.05 12.52
C VAL A 195 -17.69 -2.32 11.04
N LYS A 196 -18.60 -3.11 10.52
CA LYS A 196 -18.54 -3.41 9.10
C LYS A 196 -18.71 -2.19 8.20
N HIS A 197 -19.75 -1.41 8.47
CA HIS A 197 -19.98 -0.14 7.76
C HIS A 197 -18.81 0.77 7.78
N ARG A 198 -18.23 0.91 8.95
CA ARG A 198 -17.18 1.89 9.11
C ARG A 198 -15.87 1.35 8.48
N VAL A 199 -15.66 0.06 8.57
CA VAL A 199 -14.45 -0.50 7.98
C VAL A 199 -14.50 -0.29 6.48
N THR A 200 -15.68 -0.45 5.87
CA THR A 200 -15.77 -0.31 4.43
C THR A 200 -15.74 1.14 4.00
N GLU A 201 -16.17 2.07 4.86
CA GLU A 201 -15.95 3.51 4.60
C GLU A 201 -14.50 3.88 4.68
N GLU A 202 -13.81 3.36 5.67
CA GLU A 202 -12.39 3.70 5.82
C GLU A 202 -11.57 3.18 4.63
N ALA A 203 -12.01 2.07 4.06
CA ALA A 203 -11.29 1.47 2.93
C ALA A 203 -11.39 2.40 1.72
N LYS A 204 -12.58 2.99 1.50
CA LYS A 204 -12.81 4.01 0.48
C LYS A 204 -11.98 5.26 0.71
N THR A 205 -11.98 5.76 1.93
CA THR A 205 -11.05 6.82 2.25
C THR A 205 -9.59 6.44 1.90
N ALA A 206 -9.18 5.23 2.25
CA ALA A 206 -7.82 4.75 1.97
C ALA A 206 -7.56 4.86 0.45
N PHE A 207 -8.55 4.50 -0.38
CA PHE A 207 -8.34 4.54 -1.80
C PHE A 207 -8.20 5.96 -2.21
N LEU A 208 -9.02 6.83 -1.63
CA LEU A 208 -8.98 8.25 -2.02
C LEU A 208 -7.62 8.81 -1.63
N LEU A 209 -7.13 8.46 -0.46
CA LEU A 209 -5.85 8.95 -0.05
C LEU A 209 -4.79 8.61 -1.08
N ASN A 210 -4.92 7.41 -1.64
CA ASN A 210 -3.99 6.94 -2.67
C ASN A 210 -4.10 7.74 -3.98
N ILE A 211 -5.33 7.90 -4.46
CA ILE A 211 -5.67 8.76 -5.62
C ILE A 211 -5.09 10.15 -5.49
N GLU A 212 -5.30 10.77 -4.33
CA GLU A 212 -4.75 12.10 -4.06
C GLU A 212 -3.23 12.13 -4.09
N LEU A 213 -2.58 11.11 -3.55
CA LEU A 213 -1.16 11.05 -3.63
C LEU A 213 -0.69 11.07 -5.10
N PHE A 214 -1.31 10.25 -5.92
CA PHE A 214 -0.94 10.18 -7.34
C PHE A 214 -1.23 11.39 -8.15
N GLU A 215 -2.37 12.02 -7.91
CA GLU A 215 -2.63 13.33 -8.53
C GLU A 215 -1.53 14.28 -8.12
N GLU A 216 -1.15 14.28 -6.84
CA GLU A 216 -0.10 15.21 -6.44
C GLU A 216 1.24 14.83 -7.09
N LEU A 217 1.60 13.56 -7.17
CA LEU A 217 2.91 13.22 -7.76
C LEU A 217 2.98 13.65 -9.23
N GLN A 218 1.92 13.41 -9.95
CA GLN A 218 1.85 13.79 -11.35
C GLN A 218 1.97 15.31 -11.57
N ALA A 219 1.33 16.13 -10.72
CA ALA A 219 1.49 17.60 -10.80
C ALA A 219 2.95 17.94 -10.58
N LEU A 220 3.58 17.28 -9.59
CA LEU A 220 4.99 17.56 -9.32
C LEU A 220 5.88 17.23 -10.50
N LEU A 221 5.54 16.20 -11.22
CA LEU A 221 6.28 15.84 -12.42
C LEU A 221 6.04 16.80 -13.57
N THR A 222 4.95 17.57 -13.56
CA THR A 222 4.76 18.61 -14.58
C THR A 222 5.03 20.05 -14.10
N GLU A 223 4.28 20.52 -13.10
CA GLU A 223 4.34 21.93 -12.63
C GLU A 223 5.70 22.29 -12.02
CHA HEM B . -7.32 -6.17 -6.50
CHB HEM B . -5.21 -4.62 -10.72
CHC HEM B . -4.13 -0.38 -8.63
CHD HEM B . -5.95 -2.15 -4.37
C1A HEM B . -6.88 -6.13 -7.89
C2A HEM B . -7.13 -7.26 -8.86
C3A HEM B . -6.50 -6.76 -10.11
C4A HEM B . -5.91 -5.43 -9.77
CMA HEM B . -6.46 -7.49 -11.44
CAA HEM B . -7.91 -8.56 -8.70
CBA HEM B . -7.14 -9.79 -8.17
CGA HEM B . -7.97 -10.72 -7.24
O1A HEM B . -7.35 -11.39 -6.35
O2A HEM B . -9.24 -10.78 -7.37
C1B HEM B . -4.69 -3.27 -10.51
C2B HEM B . -3.98 -2.58 -11.62
C3B HEM B . -3.66 -1.33 -10.93
C4B HEM B . -4.22 -1.45 -9.58
CMB HEM B . -3.70 -3.08 -13.00
CAB HEM B . -3.01 -0.10 -11.45
CBB HEM B . -2.65 0.04 -12.71
C1C HEM B . -4.57 -0.46 -7.28
C2C HEM B . -4.38 0.66 -6.32
C3C HEM B . -4.91 0.03 -5.10
C4C HEM B . -5.33 -1.33 -5.38
CMC HEM B . -3.78 2.05 -6.53
CAC HEM B . -5.01 0.60 -3.75
CBC HEM B . -4.46 1.74 -3.47
C1D HEM B . -6.50 -3.42 -4.59
C2D HEM B . -7.14 -4.12 -3.47
C3D HEM B . -7.56 -5.33 -4.13
C4D HEM B . -7.08 -5.15 -5.51
CMD HEM B . -7.33 -3.70 -2.06
CAD HEM B . -8.30 -6.48 -3.53
CBD HEM B . -9.77 -6.46 -3.95
CGD HEM B . -10.37 -7.68 -3.28
O1D HEM B . -10.10 -8.81 -3.75
O2D HEM B . -11.11 -7.51 -2.27
NA HEM B . -6.19 -5.00 -8.44
NB HEM B . -4.84 -2.60 -9.35
NC HEM B . -5.16 -1.62 -6.72
ND HEM B . -6.49 -3.98 -5.78
FE HEM B . -5.69 -3.28 -7.59
O1 OXY C . -3.73 -4.08 -6.99
O2 OXY C . -2.94 -3.35 -6.81
C FMT D . -12.88 9.64 -5.36
O1 FMT D . -12.55 9.22 -6.44
O2 FMT D . -13.33 8.77 -4.47
O1 OXY E . 3.69 2.25 -8.27
O2 OXY E . 3.12 2.14 -7.35
O1 OXY F . 4.13 -4.77 -4.06
O2 OXY F . 4.35 -4.50 -3.03
#